data_1GVE
#
_entry.id   1GVE
#
_cell.length_a   125.540
_cell.length_b   64.680
_cell.length_c   112.840
_cell.angle_alpha   90.00
_cell.angle_beta   91.03
_cell.angle_gamma   90.00
#
_symmetry.space_group_name_H-M   'C 1 2 1'
#
loop_
_entity.id
_entity.type
_entity.pdbx_description
1 polymer 'AFLATOXIN B1 ALDEHYDE REDUCTASE MEMBER 3'
2 non-polymer 'NADP NICOTINAMIDE-ADENINE-DINUCLEOTIDE PHOSPHATE'
3 non-polymer GLYCEROL
4 non-polymer 'CITRIC ACID'
5 water water
#
_entity_poly.entity_id   1
_entity_poly.type   'polypeptide(L)'
_entity_poly.pdbx_seq_one_letter_code
;MSQARPATVLGAMEMGRRMDVTSSSASVRAFLQRGHTEIDTAFVYANGQSETILGDLGLGLGRSGCKVKIATKAAPMFGK
TLKPADVRFQLETSLKRLQCPRVDLFYLHFPDHGTPIEETLQACHQLHQEGKFVELGLSNYVSWEVAEICTLCKKNGWIM
PTVYQGMYNAITRQVETELFPCLRHFGLRFYAFNPLAGGLLTGRYKYQDKDGKNPESRFFGNPFSQLYMDRYWKEEHFNG
IALVEKALKTTYGPTAPSMISAAVRWMYHHSQLKGTQGDAVILGMSSLEQLEQNLALVEEGPLEPAVVDAFDQAWNLVAH
ECPNYFR
;
_entity_poly.pdbx_strand_id   A,B
#
# COMPACT_ATOMS: atom_id res chain seq x y z
N ALA A 4 26.77 -0.93 3.50
CA ALA A 4 27.21 -1.87 2.45
C ALA A 4 26.07 -1.91 1.43
N ARG A 5 26.37 -2.18 0.18
CA ARG A 5 25.34 -2.34 -0.82
C ARG A 5 24.44 -3.59 -0.69
N PRO A 6 23.30 -3.55 -1.36
CA PRO A 6 22.47 -4.73 -1.40
C PRO A 6 23.18 -5.93 -1.99
N ALA A 7 22.73 -7.10 -1.57
CA ALA A 7 23.22 -8.34 -2.13
C ALA A 7 22.70 -8.54 -3.53
N THR A 8 23.27 -9.52 -4.23
CA THR A 8 22.84 -9.88 -5.56
C THR A 8 22.43 -11.34 -5.57
N VAL A 9 21.27 -11.60 -6.15
CA VAL A 9 20.69 -12.90 -6.23
C VAL A 9 20.54 -13.24 -7.71
N LEU A 10 20.82 -14.48 -8.09
CA LEU A 10 20.75 -14.86 -9.47
C LEU A 10 19.35 -15.31 -9.85
N GLY A 11 18.73 -14.63 -10.80
CA GLY A 11 17.45 -15.10 -11.28
C GLY A 11 17.56 -16.20 -12.29
N ALA A 12 16.94 -17.32 -11.99
CA ALA A 12 17.11 -18.50 -12.83
C ALA A 12 15.92 -18.81 -13.72
N MET A 13 15.03 -17.83 -13.88
CA MET A 13 13.78 -17.97 -14.64
C MET A 13 13.97 -18.44 -16.09
N GLU A 14 15.07 -18.04 -16.70
CA GLU A 14 15.33 -18.41 -18.11
C GLU A 14 16.13 -19.69 -18.29
N MET A 15 16.62 -20.27 -17.21
CA MET A 15 17.39 -21.49 -17.30
C MET A 15 16.49 -22.63 -17.76
N GLY A 16 16.69 -23.10 -18.97
CA GLY A 16 15.83 -24.15 -19.48
C GLY A 16 14.78 -23.59 -20.41
N ARG A 17 14.72 -22.28 -20.56
CA ARG A 17 13.77 -21.65 -21.46
C ARG A 17 14.62 -21.08 -22.60
N ARG A 18 14.94 -19.80 -22.55
CA ARG A 18 15.81 -19.20 -23.57
C ARG A 18 17.27 -19.56 -23.38
N MET A 19 17.61 -20.09 -22.22
CA MET A 19 18.99 -20.45 -21.93
C MET A 19 19.19 -21.97 -21.84
N ASP A 20 20.10 -22.50 -22.64
CA ASP A 20 20.34 -23.93 -22.62
C ASP A 20 21.16 -24.31 -21.40
N VAL A 21 21.36 -25.61 -21.22
CA VAL A 21 22.09 -26.12 -20.06
C VAL A 21 23.49 -25.55 -19.97
N THR A 22 24.16 -25.52 -21.12
CA THR A 22 25.51 -25.01 -21.19
C THR A 22 25.62 -23.58 -20.69
N SER A 23 24.76 -22.71 -21.19
CA SER A 23 24.79 -21.31 -20.85
C SER A 23 24.33 -21.12 -19.39
N SER A 24 23.42 -21.98 -18.93
CA SER A 24 22.89 -21.89 -17.56
C SER A 24 24.01 -22.24 -16.60
N SER A 25 24.71 -23.33 -16.87
CA SER A 25 25.84 -23.75 -16.04
C SER A 25 26.92 -22.67 -15.99
N ALA A 26 27.26 -22.11 -17.16
CA ALA A 26 28.25 -21.05 -17.25
C ALA A 26 27.86 -19.84 -16.41
N SER A 27 26.56 -19.55 -16.40
CA SER A 27 26.01 -18.39 -15.69
C SER A 27 26.14 -18.57 -14.17
N VAL A 28 25.86 -19.77 -13.71
CA VAL A 28 26.01 -20.08 -12.30
C VAL A 28 27.46 -19.91 -11.92
N ARG A 29 28.36 -20.44 -12.77
CA ARG A 29 29.78 -20.37 -12.44
C ARG A 29 30.20 -18.91 -12.37
N ALA A 30 29.76 -18.11 -13.33
CA ALA A 30 30.13 -16.71 -13.36
C ALA A 30 29.61 -15.98 -12.09
N PHE A 31 28.39 -16.28 -11.73
CA PHE A 31 27.78 -15.66 -10.57
C PHE A 31 28.51 -16.02 -9.28
N LEU A 32 28.83 -17.29 -9.08
CA LEU A 32 29.58 -17.73 -7.90
C LEU A 32 31.00 -17.16 -7.83
N GLN A 33 31.64 -17.03 -8.99
CA GLN A 33 32.98 -16.45 -9.04
C GLN A 33 33.00 -15.00 -8.61
N ARG A 34 31.87 -14.30 -8.78
CA ARG A 34 31.78 -12.90 -8.37
C ARG A 34 31.60 -12.77 -6.85
N GLY A 35 31.48 -13.90 -6.14
CA GLY A 35 31.34 -13.91 -4.69
C GLY A 35 29.89 -14.01 -4.20
N HIS A 36 28.93 -14.01 -5.12
CA HIS A 36 27.54 -14.09 -4.70
C HIS A 36 27.19 -15.54 -4.41
N THR A 37 26.07 -15.76 -3.71
CA THR A 37 25.72 -17.12 -3.29
C THR A 37 24.28 -17.57 -3.49
N GLU A 38 23.33 -16.65 -3.62
CA GLU A 38 21.93 -17.02 -3.64
C GLU A 38 21.34 -17.08 -5.05
N ILE A 39 20.64 -18.18 -5.30
CA ILE A 39 20.01 -18.41 -6.59
C ILE A 39 18.54 -18.52 -6.38
N ASP A 40 17.76 -17.89 -7.27
CA ASP A 40 16.31 -17.85 -7.17
C ASP A 40 15.66 -18.62 -8.33
N THR A 41 14.91 -19.65 -8.03
CA THR A 41 14.17 -20.36 -9.04
C THR A 41 12.72 -20.53 -8.55
N ALA A 42 11.97 -21.41 -9.19
CA ALA A 42 10.56 -21.61 -8.83
C ALA A 42 10.06 -22.90 -9.44
N PHE A 43 9.07 -23.53 -8.83
CA PHE A 43 8.44 -24.75 -9.40
C PHE A 43 8.01 -24.55 -10.84
N VAL A 44 7.46 -23.38 -11.19
CA VAL A 44 6.95 -23.10 -12.53
C VAL A 44 8.02 -22.66 -13.55
N TYR A 45 9.21 -22.28 -13.12
CA TYR A 45 10.15 -21.70 -14.08
C TYR A 45 10.59 -22.73 -15.13
N ALA A 46 10.52 -22.31 -16.38
CA ALA A 46 10.90 -23.13 -17.53
C ALA A 46 10.20 -24.47 -17.45
N ASN A 47 8.97 -24.44 -16.92
CA ASN A 47 8.14 -25.65 -16.78
C ASN A 47 8.83 -26.76 -16.00
N GLY A 48 9.68 -26.39 -15.06
CA GLY A 48 10.40 -27.37 -14.25
C GLY A 48 11.86 -27.55 -14.61
N GLN A 49 12.28 -27.03 -15.75
CA GLN A 49 13.65 -27.24 -16.20
C GLN A 49 14.69 -26.37 -15.47
N SER A 50 14.25 -25.25 -14.92
CA SER A 50 15.19 -24.39 -14.25
C SER A 50 15.74 -25.13 -13.04
N GLU A 51 14.81 -25.68 -12.25
CA GLU A 51 15.18 -26.43 -11.05
C GLU A 51 15.99 -27.66 -11.47
N THR A 52 15.56 -28.30 -12.53
CA THR A 52 16.25 -29.52 -13.00
C THR A 52 17.69 -29.24 -13.39
N ILE A 53 17.89 -28.21 -14.18
CA ILE A 53 19.19 -27.82 -14.57
C ILE A 53 20.03 -27.51 -13.34
N LEU A 54 19.50 -26.72 -12.41
CA LEU A 54 20.28 -26.35 -11.24
C LEU A 54 20.66 -27.57 -10.40
N GLY A 55 19.76 -28.55 -10.32
CA GLY A 55 19.96 -29.71 -9.47
C GLY A 55 20.95 -30.69 -10.03
N ASP A 56 21.49 -30.40 -11.21
CA ASP A 56 22.41 -31.30 -11.90
C ASP A 56 23.80 -30.77 -11.95
N LEU A 57 23.98 -29.59 -11.40
CA LEU A 57 25.25 -28.88 -11.44
C LEU A 57 26.22 -29.45 -10.43
N GLY A 58 25.79 -30.46 -9.68
CA GLY A 58 26.63 -31.08 -8.68
C GLY A 58 27.02 -30.10 -7.61
N LEU A 59 26.11 -29.17 -7.28
CA LEU A 59 26.40 -28.19 -6.28
C LEU A 59 26.16 -28.69 -4.86
N GLY A 60 25.41 -29.77 -4.70
CA GLY A 60 25.10 -30.29 -3.37
C GLY A 60 24.17 -29.39 -2.57
N LEU A 61 23.12 -28.93 -3.22
CA LEU A 61 22.17 -28.01 -2.59
C LEU A 61 21.56 -28.56 -1.31
N GLY A 62 21.35 -27.66 -0.36
CA GLY A 62 20.65 -28.00 0.87
C GLY A 62 21.44 -28.84 1.86
N ARG A 63 22.67 -29.21 1.52
CA ARG A 63 23.49 -30.02 2.41
C ARG A 63 24.40 -29.11 3.23
N SER A 64 24.57 -29.46 4.50
CA SER A 64 25.43 -28.70 5.38
C SER A 64 26.81 -28.70 4.73
N GLY A 65 27.31 -27.53 4.33
CA GLY A 65 28.56 -27.45 3.62
C GLY A 65 28.37 -26.79 2.26
N CYS A 66 27.12 -26.55 1.89
CA CYS A 66 26.88 -25.88 0.63
C CYS A 66 27.04 -24.40 0.94
N LYS A 67 27.78 -23.68 0.10
CA LYS A 67 27.93 -22.25 0.32
C LYS A 67 26.88 -21.53 -0.48
N VAL A 68 26.36 -22.23 -1.51
CA VAL A 68 25.29 -21.77 -2.39
C VAL A 68 23.93 -21.97 -1.75
N LYS A 69 23.09 -20.94 -1.81
CA LYS A 69 21.80 -20.99 -1.14
C LYS A 69 20.77 -21.00 -2.23
N ILE A 70 19.78 -21.86 -2.10
CA ILE A 70 18.79 -22.02 -3.14
C ILE A 70 17.41 -21.62 -2.64
N ALA A 71 16.68 -20.85 -3.46
CA ALA A 71 15.32 -20.47 -3.16
C ALA A 71 14.39 -21.03 -4.23
N THR A 72 13.25 -21.55 -3.81
CA THR A 72 12.21 -21.89 -4.77
C THR A 72 10.84 -21.44 -4.27
N LYS A 73 9.83 -21.68 -5.09
CA LYS A 73 8.50 -21.14 -4.82
C LYS A 73 7.41 -22.12 -5.24
N ALA A 74 6.31 -22.09 -4.48
CA ALA A 74 5.07 -22.78 -4.86
C ALA A 74 4.07 -21.72 -5.31
N ALA A 75 3.38 -21.99 -6.40
CA ALA A 75 2.45 -21.08 -7.06
C ALA A 75 1.09 -21.70 -7.28
N PRO A 76 0.02 -20.91 -7.15
CA PRO A 76 -1.30 -21.40 -7.51
C PRO A 76 -1.51 -21.18 -9.03
N MET A 77 -0.78 -21.96 -9.82
CA MET A 77 -0.91 -21.92 -11.27
C MET A 77 -0.64 -23.33 -11.81
N PHE A 78 -0.73 -23.47 -13.13
CA PHE A 78 -0.60 -24.79 -13.79
C PHE A 78 -1.63 -25.77 -13.23
N GLY A 79 -2.80 -25.27 -12.84
CA GLY A 79 -3.81 -26.10 -12.23
C GLY A 79 -3.64 -26.45 -10.77
N LYS A 80 -2.63 -25.89 -10.12
CA LYS A 80 -2.43 -26.12 -8.68
C LYS A 80 -2.89 -24.90 -7.92
N THR A 81 -3.17 -25.12 -6.64
CA THR A 81 -3.52 -24.03 -5.72
C THR A 81 -2.47 -23.96 -4.61
N LEU A 82 -2.74 -23.14 -3.58
CA LEU A 82 -1.94 -23.16 -2.38
C LEU A 82 -2.66 -23.94 -1.25
N LYS A 83 -3.50 -24.89 -1.61
CA LYS A 83 -4.00 -25.79 -0.60
C LYS A 83 -2.83 -26.63 -0.11
N PRO A 84 -2.90 -27.07 1.14
CA PRO A 84 -1.84 -27.89 1.72
C PRO A 84 -1.25 -28.97 0.80
N ALA A 85 -2.08 -29.81 0.22
CA ALA A 85 -1.54 -30.88 -0.64
C ALA A 85 -0.74 -30.35 -1.84
N ASP A 86 -1.18 -29.24 -2.40
CA ASP A 86 -0.53 -28.69 -3.58
C ASP A 86 0.76 -27.99 -3.19
N VAL A 87 0.80 -27.41 -1.99
CA VAL A 87 2.05 -26.76 -1.54
C VAL A 87 3.10 -27.85 -1.33
N ARG A 88 2.68 -28.93 -0.69
CA ARG A 88 3.55 -30.08 -0.44
C ARG A 88 3.98 -30.69 -1.77
N PHE A 89 3.06 -30.84 -2.70
CA PHE A 89 3.42 -31.44 -3.99
C PHE A 89 4.53 -30.63 -4.66
N GLN A 90 4.38 -29.31 -4.67
CA GLN A 90 5.35 -28.52 -5.36
C GLN A 90 6.71 -28.56 -4.68
N LEU A 91 6.74 -28.36 -3.37
CA LEU A 91 8.01 -28.37 -2.68
C LEU A 91 8.71 -29.74 -2.82
N GLU A 92 7.98 -30.81 -2.60
CA GLU A 92 8.56 -32.15 -2.75
C GLU A 92 9.11 -32.39 -4.16
N THR A 93 8.37 -31.91 -5.17
CA THR A 93 8.86 -32.04 -6.54
C THR A 93 10.14 -31.20 -6.77
N SER A 94 10.15 -29.99 -6.23
CA SER A 94 11.29 -29.10 -6.39
C SER A 94 12.54 -29.72 -5.76
N LEU A 95 12.38 -30.32 -4.58
CA LEU A 95 13.50 -30.95 -3.89
C LEU A 95 14.14 -32.07 -4.73
N LYS A 96 13.28 -32.83 -5.42
CA LYS A 96 13.74 -33.90 -6.29
C LYS A 96 14.49 -33.30 -7.50
N ARG A 97 13.86 -32.35 -8.17
CA ARG A 97 14.49 -31.69 -9.30
C ARG A 97 15.82 -31.06 -8.88
N LEU A 98 15.84 -30.42 -7.72
CA LEU A 98 17.04 -29.77 -7.22
C LEU A 98 18.04 -30.76 -6.64
N GLN A 99 17.64 -32.03 -6.53
CA GLN A 99 18.48 -33.10 -5.93
C GLN A 99 19.00 -32.64 -4.59
N CYS A 100 18.09 -32.21 -3.75
CA CYS A 100 18.50 -31.68 -2.47
C CYS A 100 17.48 -32.03 -1.40
N PRO A 101 17.93 -32.11 -0.16
CA PRO A 101 17.06 -32.47 0.96
C PRO A 101 16.25 -31.30 1.52
N ARG A 102 16.72 -30.08 1.31
CA ARG A 102 15.99 -28.93 1.79
C ARG A 102 16.39 -27.74 0.96
N VAL A 103 15.49 -26.78 0.80
CA VAL A 103 15.86 -25.52 0.15
C VAL A 103 16.11 -24.51 1.27
N ASP A 104 16.92 -23.51 0.99
CA ASP A 104 17.20 -22.52 1.99
C ASP A 104 16.05 -21.51 2.16
N LEU A 105 15.28 -21.29 1.10
CA LEU A 105 14.19 -20.34 1.15
C LEU A 105 13.08 -20.86 0.29
N PHE A 106 11.87 -20.85 0.85
CA PHE A 106 10.70 -21.33 0.16
C PHE A 106 9.65 -20.25 0.18
N TYR A 107 9.24 -19.83 -1.00
CA TYR A 107 8.24 -18.80 -1.14
C TYR A 107 6.85 -19.28 -1.53
N LEU A 108 5.85 -18.56 -1.00
CA LEU A 108 4.54 -18.50 -1.63
C LEU A 108 4.70 -17.50 -2.79
N HIS A 109 4.61 -18.00 -4.01
CA HIS A 109 4.98 -17.25 -5.22
C HIS A 109 4.08 -16.04 -5.44
N PHE A 110 2.77 -16.24 -5.27
CA PHE A 110 1.79 -15.16 -5.34
C PHE A 110 0.50 -15.70 -4.69
N PRO A 111 -0.41 -14.81 -4.27
CA PRO A 111 -1.57 -15.26 -3.51
C PRO A 111 -2.49 -16.18 -4.22
N ASP A 112 -3.06 -17.09 -3.46
CA ASP A 112 -4.20 -17.91 -3.88
C ASP A 112 -5.41 -17.36 -3.08
N HIS A 113 -6.17 -16.46 -3.66
CA HIS A 113 -7.28 -15.85 -2.95
C HIS A 113 -8.46 -16.78 -2.75
N GLY A 114 -8.40 -17.98 -3.35
CA GLY A 114 -9.41 -19.00 -3.16
C GLY A 114 -9.11 -19.99 -2.04
N THR A 115 -7.94 -19.91 -1.42
CA THR A 115 -7.57 -20.76 -0.29
C THR A 115 -7.28 -19.90 0.94
N PRO A 116 -8.00 -20.10 2.06
CA PRO A 116 -7.76 -19.30 3.27
C PRO A 116 -6.29 -19.36 3.65
N ILE A 117 -5.71 -18.20 3.92
CA ILE A 117 -4.25 -18.13 4.11
C ILE A 117 -3.76 -18.97 5.27
N GLU A 118 -4.56 -19.06 6.32
CA GLU A 118 -4.12 -19.81 7.50
C GLU A 118 -3.94 -21.29 7.13
N GLU A 119 -4.74 -21.81 6.20
CA GLU A 119 -4.58 -23.20 5.78
C GLU A 119 -3.22 -23.41 5.10
N THR A 120 -2.87 -22.50 4.19
CA THR A 120 -1.61 -22.54 3.51
C THR A 120 -0.44 -22.43 4.48
N LEU A 121 -0.55 -21.48 5.40
CA LEU A 121 0.52 -21.26 6.38
C LEU A 121 0.77 -22.50 7.27
N GLN A 122 -0.31 -23.16 7.67
CA GLN A 122 -0.23 -24.37 8.49
C GLN A 122 0.55 -25.45 7.73
N ALA A 123 0.30 -25.59 6.43
CA ALA A 123 1.06 -26.50 5.59
C ALA A 123 2.54 -26.10 5.53
N CYS A 124 2.79 -24.79 5.39
CA CYS A 124 4.17 -24.34 5.37
C CYS A 124 4.88 -24.69 6.67
N HIS A 125 4.17 -24.53 7.79
CA HIS A 125 4.79 -24.83 9.07
C HIS A 125 5.12 -26.33 9.15
N GLN A 126 4.19 -27.16 8.71
CA GLN A 126 4.44 -28.61 8.76
C GLN A 126 5.65 -29.02 7.90
N LEU A 127 5.73 -28.45 6.69
CA LEU A 127 6.84 -28.72 5.77
C LEU A 127 8.14 -28.25 6.39
N HIS A 128 8.08 -27.14 7.13
CA HIS A 128 9.28 -26.64 7.80
C HIS A 128 9.73 -27.60 8.90
N GLN A 129 8.76 -28.10 9.64
CA GLN A 129 9.03 -29.01 10.77
C GLN A 129 9.62 -30.31 10.24
N GLU A 130 9.26 -30.69 9.02
CA GLU A 130 9.84 -31.88 8.39
C GLU A 130 11.27 -31.62 7.90
N GLY A 131 11.71 -30.36 7.96
CA GLY A 131 13.06 -30.03 7.52
C GLY A 131 13.21 -29.75 6.04
N LYS A 132 12.12 -29.43 5.36
CA LYS A 132 12.16 -29.29 3.90
C LYS A 132 12.56 -27.87 3.43
N PHE A 133 12.56 -26.91 4.33
CA PHE A 133 13.06 -25.59 3.97
C PHE A 133 13.52 -24.89 5.24
N VAL A 134 14.43 -23.95 5.10
CA VAL A 134 14.92 -23.22 6.24
C VAL A 134 14.12 -21.95 6.53
N GLU A 135 14.01 -21.05 5.54
CA GLU A 135 13.24 -19.82 5.70
C GLU A 135 12.03 -19.80 4.78
N LEU A 136 10.98 -19.13 5.26
CA LEU A 136 9.76 -18.91 4.51
C LEU A 136 9.80 -17.50 3.88
N GLY A 137 9.26 -17.40 2.65
CA GLY A 137 9.20 -16.16 1.94
C GLY A 137 7.84 -15.94 1.35
N LEU A 138 7.56 -14.68 1.06
CA LEU A 138 6.35 -14.26 0.36
C LEU A 138 6.73 -13.47 -0.86
N SER A 139 5.89 -13.54 -1.86
CA SER A 139 6.06 -12.68 -3.05
C SER A 139 4.67 -12.26 -3.57
N ASN A 140 4.55 -10.99 -3.95
CA ASN A 140 3.37 -10.48 -4.60
C ASN A 140 2.13 -10.42 -3.69
N TYR A 141 2.33 -10.48 -2.38
CA TYR A 141 1.28 -10.26 -1.38
C TYR A 141 1.23 -8.78 -1.03
N VAL A 142 0.03 -8.23 -0.87
CA VAL A 142 -0.08 -6.83 -0.49
C VAL A 142 0.41 -6.66 0.96
N SER A 143 0.93 -5.49 1.31
CA SER A 143 1.44 -5.17 2.65
C SER A 143 0.54 -5.68 3.75
N TRP A 144 -0.76 -5.42 3.63
CA TRP A 144 -1.66 -5.79 4.72
C TRP A 144 -1.84 -7.29 4.80
N GLU A 145 -1.72 -8.01 3.67
CA GLU A 145 -1.71 -9.47 3.72
C GLU A 145 -0.42 -9.98 4.42
N VAL A 146 0.70 -9.30 4.21
CA VAL A 146 1.93 -9.69 4.89
C VAL A 146 1.73 -9.54 6.39
N ALA A 147 1.17 -8.43 6.83
CA ALA A 147 0.93 -8.22 8.22
C ALA A 147 -0.03 -9.29 8.79
N GLU A 148 -1.10 -9.65 8.10
CA GLU A 148 -2.01 -10.68 8.56
C GLU A 148 -1.23 -11.99 8.76
N ILE A 149 -0.40 -12.32 7.77
CA ILE A 149 0.36 -13.57 7.79
C ILE A 149 1.29 -13.58 8.99
N CYS A 150 2.04 -12.49 9.15
CA CYS A 150 3.00 -12.47 10.24
C CYS A 150 2.29 -12.56 11.59
N THR A 151 1.11 -11.94 11.71
CA THR A 151 0.38 -11.97 12.97
C THR A 151 -0.15 -13.38 13.25
N LEU A 152 -0.65 -14.04 12.22
CA LEU A 152 -1.11 -15.42 12.37
C LEU A 152 0.04 -16.32 12.79
N CYS A 153 1.17 -16.21 12.09
CA CYS A 153 2.29 -17.07 12.42
C CYS A 153 2.72 -16.86 13.85
N LYS A 154 2.78 -15.61 14.27
CA LYS A 154 3.20 -15.28 15.62
C LYS A 154 2.25 -15.92 16.64
N LYS A 155 0.97 -15.70 16.44
CA LYS A 155 -0.03 -16.18 17.40
C LYS A 155 -0.11 -17.70 17.42
N ASN A 156 0.17 -18.35 16.28
CA ASN A 156 0.04 -19.79 16.21
C ASN A 156 1.36 -20.50 16.49
N GLY A 157 2.47 -19.77 16.59
CA GLY A 157 3.75 -20.42 16.83
C GLY A 157 4.31 -21.10 15.58
N TRP A 158 4.02 -20.51 14.43
CA TRP A 158 4.48 -21.05 13.16
C TRP A 158 5.66 -20.23 12.65
N ILE A 159 6.49 -20.86 11.80
CA ILE A 159 7.61 -20.12 11.20
C ILE A 159 7.09 -18.83 10.53
N MET A 160 7.78 -17.74 10.78
CA MET A 160 7.37 -16.47 10.18
C MET A 160 8.13 -16.25 8.91
N PRO A 161 7.53 -15.62 7.96
CA PRO A 161 8.26 -15.26 6.74
C PRO A 161 9.32 -14.23 7.05
N THR A 162 10.50 -14.39 6.46
CA THR A 162 11.63 -13.48 6.67
C THR A 162 12.16 -12.82 5.42
N VAL A 163 11.56 -13.15 4.29
CA VAL A 163 11.92 -12.57 3.01
C VAL A 163 10.66 -12.23 2.21
N TYR A 164 10.67 -11.06 1.59
CA TYR A 164 9.63 -10.70 0.63
C TYR A 164 10.29 -10.39 -0.68
N GLN A 165 9.82 -10.97 -1.76
CA GLN A 165 10.34 -10.73 -3.10
C GLN A 165 9.31 -9.92 -3.89
N GLY A 166 9.67 -8.72 -4.34
CA GLY A 166 8.68 -7.86 -5.00
C GLY A 166 9.29 -7.02 -6.11
N MET A 167 8.39 -6.47 -6.87
CA MET A 167 8.71 -5.64 -8.02
C MET A 167 9.21 -4.25 -7.59
N TYR A 168 10.43 -3.89 -7.99
CA TYR A 168 10.99 -2.61 -7.58
C TYR A 168 12.09 -2.22 -8.56
N ASN A 169 11.98 -1.02 -9.13
CA ASN A 169 13.04 -0.47 -9.97
C ASN A 169 12.92 1.01 -9.94
N ALA A 170 13.82 1.69 -10.65
CA ALA A 170 13.88 3.13 -10.56
C ALA A 170 12.58 3.84 -10.92
N ILE A 171 11.74 3.21 -11.73
CA ILE A 171 10.47 3.82 -12.13
C ILE A 171 9.26 2.99 -11.68
N THR A 172 9.44 2.14 -10.66
CA THR A 172 8.40 1.28 -10.13
C THR A 172 8.62 1.21 -8.61
N ARG A 173 7.98 2.13 -7.89
CA ARG A 173 8.31 2.35 -6.49
C ARG A 173 7.13 2.26 -5.55
N GLN A 174 6.02 1.67 -6.00
CA GLN A 174 4.85 1.55 -5.19
C GLN A 174 5.15 0.88 -3.83
N VAL A 175 6.03 -0.09 -3.84
CA VAL A 175 6.39 -0.80 -2.62
C VAL A 175 6.90 0.08 -1.49
N GLU A 176 7.47 1.24 -1.81
CA GLU A 176 8.07 2.08 -0.81
C GLU A 176 7.10 2.55 0.26
N THR A 177 5.86 2.80 -0.11
CA THR A 177 4.99 3.57 0.77
C THR A 177 4.44 2.78 1.97
N GLU A 178 3.85 1.64 1.67
CA GLU A 178 3.19 0.83 2.68
C GLU A 178 3.92 -0.50 2.89
N LEU A 179 4.40 -1.14 1.83
CA LEU A 179 5.07 -2.42 2.00
C LEU A 179 6.38 -2.27 2.77
N PHE A 180 7.26 -1.39 2.33
CA PHE A 180 8.57 -1.35 2.97
C PHE A 180 8.48 -1.16 4.50
N PRO A 181 7.71 -0.20 5.01
CA PRO A 181 7.62 -0.09 6.46
C PRO A 181 7.07 -1.31 7.14
N CYS A 182 6.13 -2.02 6.51
CA CYS A 182 5.63 -3.25 7.05
C CYS A 182 6.75 -4.29 7.17
N LEU A 183 7.53 -4.43 6.14
CA LEU A 183 8.60 -5.41 6.14
C LEU A 183 9.62 -5.06 7.22
N ARG A 184 9.92 -3.78 7.39
CA ARG A 184 10.88 -3.38 8.41
C ARG A 184 10.32 -3.73 9.79
N HIS A 185 9.03 -3.51 10.01
CA HIS A 185 8.42 -3.76 11.26
C HIS A 185 8.46 -5.22 11.66
N PHE A 186 8.17 -6.09 10.71
CA PHE A 186 8.06 -7.52 10.98
C PHE A 186 9.33 -8.31 10.75
N GLY A 187 10.37 -7.64 10.25
CA GLY A 187 11.67 -8.29 10.15
C GLY A 187 11.89 -9.06 8.88
N LEU A 188 11.30 -8.62 7.77
CA LEU A 188 11.55 -9.25 6.48
C LEU A 188 12.54 -8.43 5.67
N ARG A 189 13.48 -9.11 5.03
CA ARG A 189 14.36 -8.48 4.06
C ARG A 189 13.63 -8.52 2.70
N PHE A 190 13.97 -7.59 1.82
CA PHE A 190 13.31 -7.42 0.53
C PHE A 190 14.28 -7.70 -0.60
N TYR A 191 13.85 -8.58 -1.50
CA TYR A 191 14.57 -8.89 -2.70
C TYR A 191 13.77 -8.34 -3.86
N ALA A 192 14.42 -7.46 -4.63
CA ALA A 192 13.78 -6.79 -5.74
C ALA A 192 13.91 -7.58 -7.03
N PHE A 193 12.77 -7.81 -7.68
CA PHE A 193 12.75 -8.34 -9.03
C PHE A 193 12.40 -7.25 -10.02
N ASN A 194 12.59 -7.55 -11.29
CA ASN A 194 12.34 -6.61 -12.36
C ASN A 194 13.21 -5.36 -12.18
N PRO A 195 14.47 -5.49 -11.80
CA PRO A 195 15.30 -4.29 -11.58
C PRO A 195 15.49 -3.44 -12.82
N LEU A 196 15.24 -4.05 -13.99
CA LEU A 196 15.36 -3.37 -15.27
C LEU A 196 13.99 -3.24 -15.92
N ALA A 197 12.96 -3.46 -15.13
CA ALA A 197 11.58 -3.43 -15.64
C ALA A 197 11.47 -4.41 -16.82
N GLY A 198 11.98 -5.61 -16.63
CA GLY A 198 11.95 -6.63 -17.67
C GLY A 198 12.77 -6.32 -18.92
N GLY A 199 13.64 -5.32 -18.81
CA GLY A 199 14.49 -4.88 -19.91
C GLY A 199 14.09 -3.52 -20.43
N LEU A 200 12.95 -2.98 -20.01
CA LEU A 200 12.55 -1.65 -20.48
C LEU A 200 13.54 -0.57 -20.08
N LEU A 201 14.22 -0.76 -18.94
CA LEU A 201 15.13 0.27 -18.43
C LEU A 201 16.51 0.20 -19.05
N THR A 202 16.69 -0.70 -20.02
CA THR A 202 17.95 -0.76 -20.78
C THR A 202 17.93 0.32 -21.87
N GLY A 203 16.74 0.79 -22.21
CA GLY A 203 16.55 1.82 -23.22
C GLY A 203 16.51 1.29 -24.65
N ARG A 204 16.41 -0.03 -24.80
CA ARG A 204 16.46 -0.59 -26.15
C ARG A 204 15.15 -0.48 -26.92
N TYR A 205 14.05 -0.09 -26.27
CA TYR A 205 12.73 0.02 -26.92
C TYR A 205 12.26 1.47 -27.16
N LYS A 206 11.20 1.59 -27.97
CA LYS A 206 10.51 2.85 -28.19
C LYS A 206 9.02 2.49 -28.23
N TYR A 207 8.15 3.41 -27.81
CA TYR A 207 6.73 3.07 -27.68
C TYR A 207 6.12 2.49 -28.95
N GLN A 208 6.44 3.10 -30.09
CA GLN A 208 5.89 2.70 -31.39
C GLN A 208 6.28 1.26 -31.75
N ASP A 209 7.35 0.78 -31.12
CA ASP A 209 7.81 -0.59 -31.32
C ASP A 209 6.73 -1.67 -31.34
N LYS A 210 5.74 -1.57 -30.44
CA LYS A 210 4.72 -2.60 -30.41
C LYS A 210 3.94 -2.65 -31.73
N ASP A 211 4.00 -1.57 -32.49
CA ASP A 211 3.29 -1.50 -33.77
C ASP A 211 4.14 -2.04 -34.93
N GLY A 212 5.33 -2.53 -34.64
CA GLY A 212 6.19 -3.12 -35.65
C GLY A 212 6.49 -4.58 -35.30
N LYS A 213 7.15 -5.29 -36.20
CA LYS A 213 7.58 -6.66 -35.89
C LYS A 213 8.79 -6.55 -34.95
N ASN A 214 8.87 -7.43 -33.96
CA ASN A 214 9.99 -7.40 -33.01
C ASN A 214 10.66 -8.76 -32.81
N PRO A 215 11.95 -8.75 -32.51
CA PRO A 215 12.67 -10.00 -32.23
C PRO A 215 12.25 -10.58 -30.90
N GLU A 216 12.48 -11.88 -30.72
CA GLU A 216 12.17 -12.56 -29.48
C GLU A 216 12.74 -11.79 -28.27
N SER A 217 11.87 -11.46 -27.30
CA SER A 217 12.32 -10.74 -26.10
C SER A 217 11.30 -10.89 -25.00
N ARG A 218 11.60 -10.28 -23.84
CA ARG A 218 10.67 -10.30 -22.73
C ARG A 218 9.29 -9.77 -23.14
N PHE A 219 9.28 -8.72 -23.94
CA PHE A 219 8.00 -8.09 -24.30
C PHE A 219 7.35 -8.67 -25.55
N PHE A 220 8.13 -9.31 -26.41
CA PHE A 220 7.55 -9.92 -27.62
C PHE A 220 8.03 -11.35 -27.75
N GLY A 221 7.10 -12.30 -27.67
CA GLY A 221 7.41 -13.71 -27.85
C GLY A 221 7.57 -14.49 -26.56
N ASN A 222 7.52 -13.81 -25.42
CA ASN A 222 7.64 -14.50 -24.14
C ASN A 222 6.27 -15.06 -23.76
N PRO A 223 6.25 -16.20 -23.06
CA PRO A 223 5.00 -16.76 -22.55
C PRO A 223 4.25 -15.78 -21.65
N PHE A 224 4.97 -14.79 -21.09
CA PHE A 224 4.35 -13.81 -20.19
C PHE A 224 4.51 -12.39 -20.71
N SER A 225 4.64 -12.23 -22.03
CA SER A 225 4.83 -10.91 -22.62
C SER A 225 3.67 -9.96 -22.37
N GLN A 226 2.47 -10.51 -22.35
CA GLN A 226 1.30 -9.67 -22.23
C GLN A 226 1.30 -9.03 -20.85
N LEU A 227 1.64 -9.84 -19.86
CA LEU A 227 1.78 -9.39 -18.49
C LEU A 227 2.76 -8.23 -18.43
N TYR A 228 3.86 -8.31 -19.19
CA TYR A 228 4.85 -7.23 -19.20
C TYR A 228 4.38 -5.98 -19.98
N MET A 229 3.61 -6.18 -21.05
CA MET A 229 3.14 -5.00 -21.79
C MET A 229 2.22 -4.18 -20.89
N ASP A 230 1.32 -4.88 -20.19
CA ASP A 230 0.36 -4.25 -19.31
C ASP A 230 1.08 -3.61 -18.13
N ARG A 231 2.18 -4.21 -17.72
CA ARG A 231 2.92 -3.73 -16.58
C ARG A 231 3.69 -2.45 -16.87
N TYR A 232 4.42 -2.44 -17.98
CA TYR A 232 5.36 -1.35 -18.26
C TYR A 232 5.28 -0.65 -19.62
N TRP A 233 4.49 -1.19 -20.57
CA TRP A 233 4.51 -0.63 -21.91
C TRP A 233 3.52 0.53 -22.00
N LYS A 234 3.91 1.67 -21.46
CA LYS A 234 3.06 2.85 -21.45
C LYS A 234 3.87 4.06 -21.87
N GLU A 235 3.23 5.00 -22.55
CA GLU A 235 3.92 6.16 -23.05
C GLU A 235 4.73 6.86 -21.96
N GLU A 236 4.18 6.90 -20.76
CA GLU A 236 4.82 7.60 -19.65
C GLU A 236 6.16 6.95 -19.27
N HIS A 237 6.22 5.63 -19.25
CA HIS A 237 7.48 4.96 -18.93
C HIS A 237 8.53 5.37 -19.94
N PHE A 238 8.13 5.41 -21.21
CA PHE A 238 9.04 5.78 -22.29
C PHE A 238 9.52 7.25 -22.19
N ASN A 239 8.61 8.17 -21.87
CA ASN A 239 9.01 9.58 -21.71
C ASN A 239 9.97 9.77 -20.52
N GLY A 240 9.79 8.97 -19.48
CA GLY A 240 10.67 9.07 -18.33
C GLY A 240 12.09 8.62 -18.64
N ILE A 241 12.18 7.47 -19.31
CA ILE A 241 13.48 6.95 -19.72
C ILE A 241 14.20 8.03 -20.50
N ALA A 242 13.45 8.66 -21.39
CA ALA A 242 13.96 9.75 -22.20
C ALA A 242 14.58 10.87 -21.37
N LEU A 243 13.96 11.25 -20.24
CA LEU A 243 14.53 12.28 -19.37
C LEU A 243 15.87 11.86 -18.78
N VAL A 244 15.96 10.59 -18.43
CA VAL A 244 17.16 10.03 -17.82
C VAL A 244 18.31 10.01 -18.84
N GLU A 245 18.01 9.54 -20.05
CA GLU A 245 19.00 9.50 -21.13
C GLU A 245 19.53 10.92 -21.37
N LYS A 246 18.63 11.90 -21.35
CA LYS A 246 19.06 13.29 -21.51
C LYS A 246 19.95 13.78 -20.36
N ALA A 247 19.60 13.45 -19.12
CA ALA A 247 20.41 13.89 -18.00
C ALA A 247 21.77 13.18 -17.99
N LEU A 248 21.81 11.94 -18.48
CA LEU A 248 23.08 11.20 -18.53
C LEU A 248 24.10 11.94 -19.40
N LYS A 249 23.65 12.35 -20.56
CA LYS A 249 24.51 13.13 -21.47
C LYS A 249 24.87 14.48 -20.89
N THR A 250 23.86 15.24 -20.48
CA THR A 250 24.09 16.56 -19.91
C THR A 250 25.11 16.53 -18.77
N THR A 251 25.15 15.43 -18.02
CA THR A 251 26.03 15.35 -16.85
C THR A 251 27.40 14.74 -17.16
N TYR A 252 27.41 13.70 -17.98
CA TYR A 252 28.65 12.97 -18.24
C TYR A 252 29.25 13.27 -19.61
N GLY A 253 28.40 13.62 -20.57
CA GLY A 253 28.82 13.85 -21.94
C GLY A 253 28.76 12.53 -22.68
N PRO A 254 29.02 12.52 -24.00
CA PRO A 254 29.01 11.28 -24.79
C PRO A 254 29.74 10.07 -24.18
N THR A 255 30.54 10.27 -23.14
CA THR A 255 31.12 9.14 -22.41
C THR A 255 30.24 8.64 -21.25
N ALA A 256 29.03 9.14 -21.21
CA ALA A 256 28.11 8.85 -20.11
C ALA A 256 27.87 7.35 -19.95
N PRO A 257 27.59 6.92 -18.72
CA PRO A 257 27.15 5.55 -18.50
C PRO A 257 25.92 5.30 -19.32
N SER A 258 25.69 4.05 -19.70
CA SER A 258 24.53 3.67 -20.46
C SER A 258 23.29 3.69 -19.57
N MET A 259 22.12 3.62 -20.20
CA MET A 259 20.88 3.59 -19.49
C MET A 259 20.84 2.36 -18.59
N ILE A 260 21.30 1.22 -19.09
CA ILE A 260 21.27 0.03 -18.24
C ILE A 260 22.20 0.23 -17.04
N SER A 261 23.38 0.77 -17.26
CA SER A 261 24.28 1.03 -16.13
C SER A 261 23.61 1.91 -15.06
N ALA A 262 22.95 2.97 -15.53
CA ALA A 262 22.25 3.88 -14.66
C ALA A 262 21.17 3.16 -13.84
N ALA A 263 20.36 2.36 -14.50
CA ALA A 263 19.26 1.67 -13.84
C ALA A 263 19.73 0.70 -12.78
N VAL A 264 20.86 0.04 -13.04
CA VAL A 264 21.40 -0.92 -12.09
C VAL A 264 21.98 -0.17 -10.92
N ARG A 265 22.76 0.86 -11.21
CA ARG A 265 23.39 1.63 -10.16
C ARG A 265 22.33 2.27 -9.28
N TRP A 266 21.19 2.64 -9.87
CA TRP A 266 20.12 3.21 -9.04
C TRP A 266 19.71 2.18 -7.97
N MET A 267 19.53 0.94 -8.39
CA MET A 267 19.12 -0.09 -7.44
C MET A 267 20.12 -0.24 -6.29
N TYR A 268 21.41 -0.21 -6.61
CA TYR A 268 22.44 -0.52 -5.60
C TYR A 268 22.90 0.65 -4.75
N HIS A 269 22.65 1.88 -5.21
CA HIS A 269 23.17 3.08 -4.54
C HIS A 269 22.15 4.14 -4.16
N HIS A 270 20.98 4.14 -4.79
CA HIS A 270 20.05 5.24 -4.64
C HIS A 270 18.64 4.82 -4.26
N SER A 271 18.42 3.52 -4.11
CA SER A 271 17.08 3.01 -3.77
C SER A 271 16.93 2.90 -2.26
N GLN A 272 15.79 2.42 -1.82
CA GLN A 272 15.60 2.18 -0.40
C GLN A 272 16.12 0.82 0.08
N LEU A 273 16.69 0.03 -0.84
CA LEU A 273 17.27 -1.21 -0.42
C LEU A 273 18.47 -0.96 0.47
N LYS A 274 18.57 -1.74 1.54
CA LYS A 274 19.68 -1.67 2.48
C LYS A 274 20.39 -3.00 2.70
N GLY A 275 21.64 -3.04 2.29
CA GLY A 275 22.47 -4.19 2.51
C GLY A 275 22.49 -4.65 3.95
N THR A 276 22.53 -3.74 4.91
CA THR A 276 22.57 -4.15 6.30
C THR A 276 21.27 -4.82 6.77
N GLN A 277 20.17 -4.63 6.03
CA GLN A 277 18.93 -5.29 6.37
C GLN A 277 18.85 -6.63 5.63
N GLY A 278 19.83 -6.95 4.81
CA GLY A 278 19.80 -8.18 4.04
C GLY A 278 19.11 -8.01 2.70
N ASP A 279 18.78 -6.79 2.32
CA ASP A 279 18.03 -6.64 1.07
C ASP A 279 18.93 -6.97 -0.13
N ALA A 280 18.31 -7.26 -1.25
CA ALA A 280 19.02 -7.73 -2.41
C ALA A 280 18.32 -7.37 -3.69
N VAL A 281 19.08 -7.43 -4.77
CA VAL A 281 18.57 -7.28 -6.13
C VAL A 281 18.66 -8.63 -6.82
N ILE A 282 17.58 -9.05 -7.46
CA ILE A 282 17.60 -10.25 -8.27
C ILE A 282 17.91 -9.88 -9.72
N LEU A 283 19.08 -10.27 -10.20
CA LEU A 283 19.46 -10.01 -11.57
C LEU A 283 18.72 -10.93 -12.49
N GLY A 284 18.35 -10.41 -13.63
CA GLY A 284 17.73 -11.22 -14.67
C GLY A 284 18.58 -11.18 -15.92
N MET A 285 18.44 -12.20 -16.75
CA MET A 285 19.20 -12.30 -17.99
C MET A 285 18.56 -13.33 -18.87
N SER A 286 18.79 -13.20 -20.17
CA SER A 286 18.35 -14.20 -21.14
C SER A 286 19.55 -14.76 -21.88
N SER A 287 20.76 -14.38 -21.45
CA SER A 287 21.99 -14.93 -22.02
C SER A 287 23.15 -14.73 -21.04
N LEU A 288 24.22 -15.49 -21.26
CA LEU A 288 25.40 -15.39 -20.44
C LEU A 288 26.01 -14.03 -20.60
N GLU A 289 26.03 -13.51 -21.82
CA GLU A 289 26.58 -12.20 -22.12
C GLU A 289 25.94 -11.09 -21.27
N GLN A 290 24.61 -11.11 -21.21
CA GLN A 290 23.86 -10.13 -20.43
C GLN A 290 24.22 -10.23 -18.97
N LEU A 291 24.31 -11.45 -18.48
CA LEU A 291 24.64 -11.67 -17.07
C LEU A 291 26.03 -11.13 -16.76
N GLU A 292 26.99 -11.45 -17.62
CA GLU A 292 28.34 -10.98 -17.35
C GLU A 292 28.37 -9.46 -17.34
N GLN A 293 27.64 -8.85 -18.27
CA GLN A 293 27.52 -7.40 -18.28
C GLN A 293 26.91 -6.90 -16.96
N ASN A 294 25.82 -7.51 -16.57
CA ASN A 294 25.11 -7.04 -15.40
C ASN A 294 25.94 -7.20 -14.15
N LEU A 295 26.68 -8.32 -14.07
CA LEU A 295 27.51 -8.57 -12.91
C LEU A 295 28.58 -7.50 -12.74
N ALA A 296 29.07 -6.96 -13.85
CA ALA A 296 30.02 -5.86 -13.81
C ALA A 296 29.36 -4.56 -13.38
N LEU A 297 28.13 -4.34 -13.83
CA LEU A 297 27.39 -3.12 -13.49
C LEU A 297 27.06 -3.00 -12.01
N VAL A 298 26.83 -4.13 -11.36
CA VAL A 298 26.60 -4.15 -9.92
C VAL A 298 27.74 -3.52 -9.15
N GLU A 299 28.96 -3.65 -9.68
CA GLU A 299 30.14 -3.15 -8.97
C GLU A 299 30.44 -1.68 -9.20
N GLU A 300 29.74 -1.06 -10.14
CA GLU A 300 29.92 0.35 -10.41
C GLU A 300 29.43 1.17 -9.24
N GLY A 301 29.82 2.44 -9.20
CA GLY A 301 29.49 3.30 -8.08
C GLY A 301 28.25 4.13 -8.28
N PRO A 302 28.03 5.09 -7.40
CA PRO A 302 26.87 5.95 -7.47
C PRO A 302 26.84 6.87 -8.68
N LEU A 303 25.66 7.41 -8.97
CA LEU A 303 25.43 8.29 -10.09
C LEU A 303 25.50 9.68 -9.55
N GLU A 304 25.74 10.64 -10.44
CA GLU A 304 25.69 12.03 -10.04
C GLU A 304 24.24 12.40 -9.73
N PRO A 305 24.07 13.35 -8.82
CA PRO A 305 22.75 13.81 -8.38
C PRO A 305 21.82 14.16 -9.53
N ALA A 306 22.30 14.87 -10.54
CA ALA A 306 21.42 15.24 -11.64
C ALA A 306 20.73 14.03 -12.26
N VAL A 307 21.42 12.90 -12.29
CA VAL A 307 20.87 11.72 -12.91
C VAL A 307 19.87 11.06 -11.93
N VAL A 308 20.21 11.09 -10.65
CA VAL A 308 19.30 10.58 -9.60
C VAL A 308 18.02 11.40 -9.66
N ASP A 309 18.18 12.73 -9.80
CA ASP A 309 17.02 13.59 -9.92
C ASP A 309 16.16 13.28 -11.14
N ALA A 310 16.81 13.02 -12.25
CA ALA A 310 16.11 12.59 -13.46
C ALA A 310 15.28 11.30 -13.23
N PHE A 311 15.86 10.32 -12.58
CA PHE A 311 15.10 9.09 -12.27
C PHE A 311 13.87 9.44 -11.42
N ASP A 312 14.02 10.33 -10.46
CA ASP A 312 12.87 10.76 -9.66
C ASP A 312 11.82 11.42 -10.50
N GLN A 313 12.24 12.28 -11.42
CA GLN A 313 11.34 12.91 -12.32
C GLN A 313 10.60 11.87 -13.15
N ALA A 314 11.31 10.85 -13.60
CA ALA A 314 10.69 9.84 -14.41
C ALA A 314 9.66 9.09 -13.58
N TRP A 315 10.02 8.75 -12.35
CA TRP A 315 9.07 8.06 -11.47
C TRP A 315 7.80 8.91 -11.28
N ASN A 316 8.02 10.19 -11.03
CA ASN A 316 6.88 11.09 -10.88
C ASN A 316 5.94 11.09 -12.06
N LEU A 317 6.51 11.00 -13.25
CA LEU A 317 5.66 10.92 -14.43
C LEU A 317 4.81 9.65 -14.47
N VAL A 318 5.32 8.55 -13.99
CA VAL A 318 4.59 7.27 -14.13
C VAL A 318 3.87 6.78 -12.89
N ALA A 319 4.09 7.45 -11.77
CA ALA A 319 3.55 6.98 -10.49
C ALA A 319 2.06 6.68 -10.55
N HIS A 320 1.29 7.56 -11.17
CA HIS A 320 -0.17 7.39 -11.21
C HIS A 320 -0.58 6.16 -11.98
N GLU A 321 0.33 5.56 -12.73
CA GLU A 321 -0.05 4.32 -13.42
C GLU A 321 0.92 3.20 -13.19
N CYS A 322 1.50 3.25 -12.03
CA CYS A 322 2.44 2.18 -11.64
C CYS A 322 1.66 0.87 -11.56
N PRO A 323 2.23 -0.24 -12.06
CA PRO A 323 1.58 -1.53 -11.87
C PRO A 323 1.56 -1.87 -10.40
N ASN A 324 0.51 -2.55 -9.95
CA ASN A 324 0.51 -3.00 -8.56
C ASN A 324 1.56 -4.05 -8.26
N TYR A 325 2.18 -3.96 -7.08
CA TYR A 325 3.18 -4.94 -6.72
C TYR A 325 2.56 -6.22 -6.16
N PHE A 326 1.24 -6.25 -6.02
CA PHE A 326 0.50 -7.34 -5.43
C PHE A 326 -0.55 -7.83 -6.40
N ARG A 327 -0.97 -9.05 -6.18
CA ARG A 327 -1.95 -9.71 -7.04
C ARG A 327 -2.93 -10.50 -6.25
N ALA B 4 -28.04 3.52 -1.66
CA ALA B 4 -28.12 4.87 -1.06
C ALA B 4 -26.74 5.57 -1.08
N ARG B 5 -26.75 6.85 -0.86
CA ARG B 5 -25.54 7.61 -0.83
C ARG B 5 -24.85 7.42 0.52
N PRO B 6 -23.57 7.71 0.52
CA PRO B 6 -22.87 7.73 1.81
C PRO B 6 -23.56 8.65 2.81
N ALA B 7 -23.41 8.30 4.08
CA ALA B 7 -23.92 9.08 5.20
C ALA B 7 -23.10 10.33 5.42
N THR B 8 -23.61 11.25 6.21
CA THR B 8 -22.90 12.49 6.52
C THR B 8 -22.71 12.52 8.04
N VAL B 9 -21.49 12.77 8.49
CA VAL B 9 -21.12 12.84 9.89
C VAL B 9 -20.66 14.27 10.20
N LEU B 10 -21.15 14.84 11.29
CA LEU B 10 -20.77 16.17 11.68
C LEU B 10 -19.44 16.20 12.34
N GLY B 11 -18.48 16.92 11.76
CA GLY B 11 -17.19 17.05 12.40
C GLY B 11 -17.26 18.20 13.40
N ALA B 12 -17.07 17.91 14.66
CA ALA B 12 -17.25 18.89 15.75
C ALA B 12 -15.98 19.51 16.27
N MET B 13 -14.85 19.37 15.57
CA MET B 13 -13.58 19.84 16.09
C MET B 13 -13.47 21.32 16.39
N GLU B 14 -14.28 22.11 15.72
CA GLU B 14 -14.19 23.53 15.95
C GLU B 14 -15.10 24.03 17.06
N MET B 15 -15.94 23.17 17.65
CA MET B 15 -16.80 23.58 18.77
C MET B 15 -15.90 23.94 19.96
N GLY B 16 -15.85 25.22 20.35
CA GLY B 16 -14.95 25.70 21.40
C GLY B 16 -13.63 26.26 20.94
N ARG B 17 -13.36 26.25 19.63
CA ARG B 17 -12.11 26.79 19.08
C ARG B 17 -12.50 27.97 18.18
N ARG B 18 -12.83 27.71 16.94
CA ARG B 18 -13.32 28.81 16.06
C ARG B 18 -14.82 29.06 16.24
N MET B 19 -15.53 28.15 16.91
CA MET B 19 -16.98 28.27 17.12
C MET B 19 -17.41 28.35 18.57
N ASP B 20 -18.24 29.35 18.90
CA ASP B 20 -18.75 29.50 20.24
C ASP B 20 -19.92 28.54 20.54
N VAL B 21 -20.36 28.54 21.79
CA VAL B 21 -21.47 27.69 22.21
C VAL B 21 -22.71 27.89 21.37
N THR B 22 -23.12 29.15 21.20
CA THR B 22 -24.34 29.41 20.46
C THR B 22 -24.32 28.85 19.06
N SER B 23 -23.23 29.08 18.34
CA SER B 23 -23.12 28.59 16.99
C SER B 23 -23.06 27.06 16.94
N SER B 24 -22.33 26.49 17.91
CA SER B 24 -22.23 25.05 17.94
C SER B 24 -23.62 24.42 18.12
N SER B 25 -24.42 24.95 19.03
CA SER B 25 -25.73 24.37 19.24
C SER B 25 -26.61 24.47 18.00
N ALA B 26 -26.56 25.64 17.36
CA ALA B 26 -27.34 25.84 16.18
C ALA B 26 -26.91 24.88 15.09
N SER B 27 -25.60 24.65 15.03
CA SER B 27 -25.04 23.77 14.01
C SER B 27 -25.61 22.34 14.18
N VAL B 28 -25.64 21.85 15.43
CA VAL B 28 -26.24 20.54 15.66
C VAL B 28 -27.71 20.41 15.24
N ARG B 29 -28.50 21.43 15.56
CA ARG B 29 -29.89 21.45 15.15
C ARG B 29 -30.04 21.38 13.62
N ALA B 30 -29.25 22.16 12.92
CA ALA B 30 -29.31 22.22 11.45
C ALA B 30 -28.98 20.84 10.87
N PHE B 31 -27.93 20.19 11.44
CA PHE B 31 -27.50 18.89 10.99
C PHE B 31 -28.57 17.87 11.23
N LEU B 32 -29.13 17.85 12.44
CA LEU B 32 -30.16 16.85 12.74
C LEU B 32 -31.43 17.07 11.95
N GLN B 33 -31.68 18.34 11.62
CA GLN B 33 -32.88 18.70 10.83
C GLN B 33 -32.85 18.10 9.43
N ARG B 34 -31.64 17.89 8.94
CA ARG B 34 -31.46 17.29 7.63
C ARG B 34 -31.55 15.78 7.64
N GLY B 35 -31.71 15.18 8.84
CA GLY B 35 -31.92 13.77 8.95
C GLY B 35 -30.63 12.99 9.22
N HIS B 36 -29.54 13.72 9.41
CA HIS B 36 -28.28 13.05 9.71
C HIS B 36 -28.22 12.81 11.23
N THR B 37 -27.35 11.91 11.69
CA THR B 37 -27.39 11.54 13.10
C THR B 37 -26.04 11.39 13.79
N GLU B 38 -24.97 11.18 13.06
CA GLU B 38 -23.67 10.93 13.73
C GLU B 38 -22.80 12.16 13.88
N ILE B 39 -22.32 12.38 15.10
CA ILE B 39 -21.45 13.51 15.43
C ILE B 39 -20.09 12.99 15.84
N ASP B 40 -19.04 13.59 15.35
CA ASP B 40 -17.67 13.14 15.53
C ASP B 40 -16.87 14.18 16.35
N THR B 41 -16.37 13.77 17.52
CA THR B 41 -15.54 14.64 18.31
C THR B 41 -14.28 13.83 18.76
N ALA B 42 -13.55 14.34 19.73
CA ALA B 42 -12.32 13.70 20.20
C ALA B 42 -11.92 14.29 21.53
N PHE B 43 -11.20 13.48 22.32
CA PHE B 43 -10.68 13.97 23.61
C PHE B 43 -9.87 15.23 23.41
N VAL B 44 -9.10 15.30 22.32
CA VAL B 44 -8.23 16.43 22.12
C VAL B 44 -8.80 17.68 21.50
N TYR B 45 -9.99 17.62 20.91
CA TYR B 45 -10.50 18.75 20.15
C TYR B 45 -10.76 19.94 21.00
N ALA B 46 -10.30 21.12 20.54
CA ALA B 46 -10.56 22.36 21.24
C ALA B 46 -10.22 22.32 22.70
N ASN B 47 -9.08 21.73 23.05
CA ASN B 47 -8.67 21.65 24.42
C ASN B 47 -9.75 21.08 25.34
N GLY B 48 -10.52 20.18 24.75
CA GLY B 48 -11.55 19.50 25.53
C GLY B 48 -12.90 20.15 25.46
N GLN B 49 -13.00 21.30 24.84
CA GLN B 49 -14.22 22.07 24.82
C GLN B 49 -15.21 21.55 23.83
N SER B 50 -14.79 20.83 22.82
CA SER B 50 -15.74 20.28 21.89
C SER B 50 -16.66 19.25 22.57
N GLU B 51 -16.03 18.30 23.26
CA GLU B 51 -16.83 17.34 24.02
C GLU B 51 -17.65 18.05 25.05
N THR B 52 -17.06 19.01 25.74
CA THR B 52 -17.76 19.70 26.81
C THR B 52 -18.99 20.41 26.29
N ILE B 53 -18.87 21.12 25.17
CA ILE B 53 -20.01 21.79 24.60
C ILE B 53 -21.08 20.78 24.16
N LEU B 54 -20.66 19.69 23.50
CA LEU B 54 -21.64 18.70 23.09
C LEU B 54 -22.38 18.11 24.29
N GLY B 55 -21.66 17.85 25.38
CA GLY B 55 -22.25 17.34 26.59
C GLY B 55 -23.27 18.23 27.22
N ASP B 56 -23.14 19.51 27.03
CA ASP B 56 -24.06 20.49 27.62
C ASP B 56 -25.29 20.76 26.73
N LEU B 57 -25.42 20.19 25.54
CA LEU B 57 -26.53 20.47 24.63
C LEU B 57 -27.84 19.73 24.97
N GLY B 58 -27.82 18.84 25.95
CA GLY B 58 -29.04 18.14 26.33
C GLY B 58 -29.51 17.10 25.35
N LEU B 59 -28.59 16.46 24.65
CA LEU B 59 -28.95 15.47 23.65
C LEU B 59 -29.22 14.10 24.25
N GLY B 60 -28.80 13.82 25.49
CA GLY B 60 -29.04 12.50 26.04
C GLY B 60 -28.23 11.44 25.31
N LEU B 61 -26.97 11.77 25.03
CA LEU B 61 -26.12 10.88 24.26
C LEU B 61 -25.93 9.53 24.93
N GLY B 62 -25.77 8.50 24.11
CA GLY B 62 -25.43 7.20 24.61
C GLY B 62 -26.54 6.40 25.30
N ARG B 63 -27.72 6.98 25.33
CA ARG B 63 -28.86 6.41 26.00
C ARG B 63 -29.87 5.81 25.06
N SER B 64 -30.66 4.90 25.61
CA SER B 64 -31.69 4.22 24.81
C SER B 64 -32.61 5.26 24.19
N GLY B 65 -32.86 5.11 22.90
CA GLY B 65 -33.74 6.03 22.20
C GLY B 65 -33.10 7.34 21.74
N CYS B 66 -31.82 7.54 22.02
CA CYS B 66 -31.22 8.76 21.53
C CYS B 66 -31.14 8.55 20.01
N LYS B 67 -31.42 9.60 19.30
CA LYS B 67 -31.40 9.57 17.84
C LYS B 67 -30.11 10.20 17.30
N VAL B 68 -29.22 10.57 18.19
CA VAL B 68 -27.93 11.11 17.82
C VAL B 68 -26.93 10.03 18.20
N LYS B 69 -25.94 9.79 17.35
CA LYS B 69 -24.88 8.81 17.62
C LYS B 69 -23.62 9.65 17.84
N ILE B 70 -22.82 9.30 18.83
CA ILE B 70 -21.62 10.09 19.16
C ILE B 70 -20.39 9.24 19.03
N ALA B 71 -19.35 9.82 18.44
CA ALA B 71 -18.04 9.26 18.37
C ALA B 71 -17.02 10.13 19.04
N THR B 72 -16.11 9.48 19.75
CA THR B 72 -14.93 10.19 20.24
C THR B 72 -13.69 9.32 20.04
N LYS B 73 -12.55 9.84 20.47
CA LYS B 73 -11.26 9.31 20.17
C LYS B 73 -10.26 9.52 21.29
N ALA B 74 -9.34 8.58 21.42
CA ALA B 74 -8.21 8.70 22.35
C ALA B 74 -6.95 8.81 21.50
N ALA B 75 -6.06 9.70 21.94
CA ALA B 75 -4.82 10.03 21.23
C ALA B 75 -3.61 10.05 22.14
N PRO B 76 -2.42 9.82 21.55
CA PRO B 76 -1.19 9.97 22.33
C PRO B 76 -0.72 11.43 22.29
N MET B 77 -1.50 12.27 22.98
CA MET B 77 -1.27 13.71 23.05
C MET B 77 -1.41 14.19 24.48
N PHE B 78 -0.99 15.43 24.75
CA PHE B 78 -1.09 16.01 26.09
C PHE B 78 -0.39 15.19 27.16
N GLY B 79 0.70 14.57 26.77
CA GLY B 79 1.49 13.77 27.70
C GLY B 79 0.94 12.37 27.86
N LYS B 80 -0.18 12.11 27.22
CA LYS B 80 -0.76 10.77 27.27
C LYS B 80 -0.22 9.91 26.14
N THR B 81 -0.33 8.60 26.32
CA THR B 81 0.05 7.63 25.34
C THR B 81 -1.21 6.81 25.06
N LEU B 82 -1.05 5.72 24.33
CA LEU B 82 -2.12 4.75 24.20
C LEU B 82 -1.86 3.51 25.08
N LYS B 83 -1.07 3.67 26.11
CA LYS B 83 -0.98 2.62 27.09
C LYS B 83 -2.37 2.46 27.77
N PRO B 84 -2.66 1.26 28.25
CA PRO B 84 -3.98 0.98 28.84
C PRO B 84 -4.54 2.01 29.78
N ALA B 85 -3.74 2.47 30.72
CA ALA B 85 -4.28 3.41 31.69
C ALA B 85 -4.65 4.72 31.03
N ASP B 86 -3.88 5.13 30.02
CA ASP B 86 -4.16 6.36 29.34
C ASP B 86 -5.35 6.27 28.36
N VAL B 87 -5.57 5.12 27.74
CA VAL B 87 -6.77 4.96 26.93
C VAL B 87 -8.01 5.06 27.84
N ARG B 88 -7.97 4.34 28.97
CA ARG B 88 -9.07 4.41 29.92
C ARG B 88 -9.32 5.83 30.42
N PHE B 89 -8.25 6.51 30.72
CA PHE B 89 -8.36 7.85 31.25
C PHE B 89 -9.07 8.80 30.27
N GLN B 90 -8.68 8.69 29.01
CA GLN B 90 -9.27 9.53 28.01
C GLN B 90 -10.76 9.18 27.83
N LEU B 91 -11.09 7.90 27.69
CA LEU B 91 -12.53 7.56 27.50
C LEU B 91 -13.34 7.98 28.72
N GLU B 92 -12.81 7.71 29.91
CA GLU B 92 -13.57 8.12 31.11
C GLU B 92 -13.76 9.62 31.15
N THR B 93 -12.75 10.38 30.77
CA THR B 93 -12.90 11.83 30.66
C THR B 93 -13.92 12.24 29.62
N SER B 94 -13.89 11.58 28.46
CA SER B 94 -14.85 11.89 27.43
C SER B 94 -16.28 11.65 27.88
N LEU B 95 -16.48 10.55 28.56
CA LEU B 95 -17.83 10.22 29.08
C LEU B 95 -18.34 11.28 30.04
N LYS B 96 -17.44 11.76 30.91
CA LYS B 96 -17.79 12.82 31.81
C LYS B 96 -18.19 14.08 31.02
N ARG B 97 -17.32 14.52 30.10
CA ARG B 97 -17.57 15.74 29.34
C ARG B 97 -18.80 15.68 28.46
N LEU B 98 -18.97 14.56 27.77
CA LEU B 98 -20.13 14.35 26.92
C LEU B 98 -21.40 14.02 27.71
N GLN B 99 -21.23 13.88 29.02
CA GLN B 99 -22.39 13.59 29.88
C GLN B 99 -23.16 12.37 29.42
N CYS B 100 -22.45 11.27 29.18
CA CYS B 100 -23.10 10.10 28.63
C CYS B 100 -22.52 8.84 29.21
N PRO B 101 -23.31 7.78 29.22
CA PRO B 101 -22.84 6.53 29.80
C PRO B 101 -21.97 5.68 28.88
N ARG B 102 -22.08 5.95 27.61
CA ARG B 102 -21.28 5.30 26.59
C ARG B 102 -21.24 6.15 25.34
N VAL B 103 -20.25 5.87 24.49
CA VAL B 103 -20.30 6.42 23.13
C VAL B 103 -20.56 5.32 22.13
N ASP B 104 -21.09 5.72 20.99
CA ASP B 104 -21.42 4.75 19.99
C ASP B 104 -20.18 4.25 19.27
N LEU B 105 -19.17 5.11 19.13
CA LEU B 105 -17.94 4.74 18.43
C LEU B 105 -16.78 5.41 19.14
N PHE B 106 -15.78 4.57 19.44
CA PHE B 106 -14.57 5.01 20.08
C PHE B 106 -13.39 4.67 19.23
N TYR B 107 -12.62 5.70 18.83
CA TYR B 107 -11.46 5.51 17.97
C TYR B 107 -10.13 5.59 18.73
N LEU B 108 -9.16 4.89 18.21
CA LEU B 108 -7.75 5.19 18.37
C LEU B 108 -7.47 6.28 17.33
N HIS B 109 -7.16 7.48 17.79
CA HIS B 109 -7.14 8.68 16.93
C HIS B 109 -6.03 8.63 15.89
N PHE B 110 -4.86 8.21 16.34
CA PHE B 110 -3.72 7.96 15.47
C PHE B 110 -2.73 7.11 16.22
N PRO B 111 -1.79 6.45 15.53
CA PRO B 111 -0.94 5.48 16.21
C PRO B 111 0.00 6.06 17.25
N ASP B 112 0.19 5.28 18.30
CA ASP B 112 1.25 5.45 19.28
C ASP B 112 2.32 4.39 19.03
N HIS B 113 3.32 4.73 18.24
CA HIS B 113 4.34 3.76 17.88
C HIS B 113 5.23 3.39 19.05
N GLY B 114 5.06 4.07 20.16
CA GLY B 114 5.80 3.69 21.32
C GLY B 114 5.15 2.71 22.29
N THR B 115 3.90 2.33 22.01
CA THR B 115 3.16 1.39 22.81
C THR B 115 2.77 0.20 21.96
N PRO B 116 3.12 -1.01 22.35
CA PRO B 116 2.72 -2.17 21.56
C PRO B 116 1.25 -2.24 21.37
N ILE B 117 0.84 -2.44 20.13
CA ILE B 117 -0.58 -2.31 19.82
C ILE B 117 -1.42 -3.31 20.56
N GLU B 118 -0.91 -4.52 20.88
CA GLU B 118 -1.77 -5.49 21.53
C GLU B 118 -2.11 -5.02 22.93
N GLU B 119 -1.25 -4.22 23.56
CA GLU B 119 -1.54 -3.71 24.89
C GLU B 119 -2.72 -2.72 24.80
N THR B 120 -2.68 -1.82 23.84
CA THR B 120 -3.76 -0.87 23.60
C THR B 120 -5.05 -1.61 23.32
N LEU B 121 -4.98 -2.59 22.47
CA LEU B 121 -6.18 -3.33 22.10
C LEU B 121 -6.85 -4.05 23.24
N GLN B 122 -6.06 -4.62 24.13
CA GLN B 122 -6.61 -5.32 25.27
C GLN B 122 -7.40 -4.33 26.13
N ALA B 123 -6.86 -3.12 26.31
CA ALA B 123 -7.54 -2.08 27.06
C ALA B 123 -8.82 -1.70 26.37
N CYS B 124 -8.81 -1.57 25.04
CA CYS B 124 -10.04 -1.27 24.34
C CYS B 124 -11.09 -2.37 24.53
N HIS B 125 -10.65 -3.61 24.53
CA HIS B 125 -11.56 -4.70 24.83
C HIS B 125 -12.18 -4.58 26.21
N GLN B 126 -11.34 -4.33 27.21
CA GLN B 126 -11.83 -4.20 28.56
C GLN B 126 -12.86 -3.09 28.69
N LEU B 127 -12.56 -1.93 28.09
CA LEU B 127 -13.50 -0.84 28.10
C LEU B 127 -14.82 -1.17 27.41
N HIS B 128 -14.76 -1.91 26.31
CA HIS B 128 -15.98 -2.35 25.63
C HIS B 128 -16.76 -3.33 26.54
N GLN B 129 -16.06 -4.19 27.25
CA GLN B 129 -16.75 -5.15 28.14
C GLN B 129 -17.43 -4.41 29.30
N GLU B 130 -16.95 -3.25 29.67
CA GLU B 130 -17.60 -2.41 30.70
C GLU B 130 -18.79 -1.66 30.13
N GLY B 131 -19.01 -1.74 28.80
CA GLY B 131 -20.15 -1.10 28.20
C GLY B 131 -19.93 0.37 27.84
N LYS B 132 -18.68 0.80 27.83
CA LYS B 132 -18.35 2.21 27.62
C LYS B 132 -18.42 2.66 26.17
N PHE B 133 -18.36 1.74 25.22
CA PHE B 133 -18.51 2.11 23.83
C PHE B 133 -19.13 0.91 23.13
N VAL B 134 -19.80 1.18 22.00
CA VAL B 134 -20.40 0.12 21.20
C VAL B 134 -19.47 -0.44 20.14
N GLU B 135 -18.91 0.44 19.30
CA GLU B 135 -17.99 0.02 18.27
C GLU B 135 -16.62 0.69 18.42
N LEU B 136 -15.61 -0.05 18.00
CA LEU B 136 -14.23 0.45 17.97
C LEU B 136 -13.88 0.93 16.56
N GLY B 137 -13.16 2.04 16.51
CA GLY B 137 -12.69 2.62 15.27
C GLY B 137 -11.20 2.88 15.28
N LEU B 138 -10.66 3.03 14.08
CA LEU B 138 -9.28 3.40 13.88
C LEU B 138 -9.17 4.58 12.97
N SER B 139 -8.18 5.44 13.16
CA SER B 139 -7.93 6.58 12.28
C SER B 139 -6.42 6.74 12.09
N ASN B 140 -5.96 7.00 10.85
CA ASN B 140 -4.59 7.31 10.55
C ASN B 140 -3.60 6.15 10.76
N TYR B 141 -4.13 4.94 10.89
CA TYR B 141 -3.32 3.71 10.86
C TYR B 141 -3.10 3.22 9.43
N VAL B 142 -1.91 2.77 9.11
CA VAL B 142 -1.70 2.29 7.75
C VAL B 142 -2.43 0.96 7.59
N SER B 143 -2.76 0.64 6.33
CA SER B 143 -3.51 -0.57 6.03
C SER B 143 -2.95 -1.83 6.72
N TRP B 144 -1.64 -2.00 6.68
CA TRP B 144 -1.06 -3.21 7.26
C TRP B 144 -1.20 -3.21 8.77
N GLU B 145 -1.20 -2.03 9.42
CA GLU B 145 -1.47 -1.98 10.84
C GLU B 145 -2.92 -2.37 11.15
N VAL B 146 -3.85 -1.97 10.26
CA VAL B 146 -5.25 -2.35 10.42
C VAL B 146 -5.34 -3.88 10.36
N ALA B 147 -4.64 -4.50 9.42
CA ALA B 147 -4.72 -5.95 9.31
C ALA B 147 -4.14 -6.63 10.55
N GLU B 148 -3.03 -6.10 11.07
CA GLU B 148 -2.42 -6.71 12.26
C GLU B 148 -3.46 -6.60 13.41
N ILE B 149 -4.06 -5.42 13.57
CA ILE B 149 -5.06 -5.22 14.61
C ILE B 149 -6.22 -6.18 14.51
N CYS B 150 -6.76 -6.29 13.30
CA CYS B 150 -7.89 -7.21 13.13
C CYS B 150 -7.51 -8.63 13.41
N THR B 151 -6.35 -9.02 12.99
CA THR B 151 -5.88 -10.39 13.22
C THR B 151 -5.66 -10.70 14.71
N LEU B 152 -5.09 -9.74 15.43
CA LEU B 152 -4.94 -9.85 16.87
C LEU B 152 -6.31 -9.95 17.56
N CYS B 153 -7.24 -9.08 17.19
CA CYS B 153 -8.54 -9.07 17.80
C CYS B 153 -9.23 -10.41 17.56
N LYS B 154 -9.21 -10.92 16.32
CA LYS B 154 -9.87 -12.19 16.01
C LYS B 154 -9.25 -13.29 16.85
N LYS B 155 -7.92 -13.40 16.86
CA LYS B 155 -7.24 -14.47 17.58
C LYS B 155 -7.50 -14.42 19.06
N ASN B 156 -7.58 -13.21 19.60
CA ASN B 156 -7.74 -13.05 21.05
C ASN B 156 -9.17 -13.01 21.53
N GLY B 157 -10.11 -12.95 20.61
CA GLY B 157 -11.51 -12.83 20.99
C GLY B 157 -11.89 -11.47 21.51
N TRP B 158 -11.29 -10.43 20.91
CA TRP B 158 -11.55 -9.07 21.31
C TRP B 158 -12.36 -8.34 20.27
N ILE B 159 -13.05 -7.30 20.70
CA ILE B 159 -13.86 -6.56 19.78
C ILE B 159 -13.01 -6.10 18.59
N MET B 160 -13.53 -6.26 17.39
CA MET B 160 -12.80 -5.89 16.21
C MET B 160 -13.16 -4.46 15.84
N PRO B 161 -12.24 -3.70 15.32
CA PRO B 161 -12.61 -2.40 14.74
C PRO B 161 -13.57 -2.55 13.55
N THR B 162 -14.56 -1.68 13.48
CA THR B 162 -15.51 -1.73 12.41
C THR B 162 -15.64 -0.44 11.62
N VAL B 163 -14.91 0.60 12.00
CA VAL B 163 -14.88 1.87 11.33
C VAL B 163 -13.43 2.36 11.20
N TYR B 164 -13.09 2.88 10.02
CA TYR B 164 -11.83 3.55 9.80
C TYR B 164 -12.16 4.93 9.32
N GLN B 165 -11.53 5.95 9.93
CA GLN B 165 -11.66 7.35 9.50
C GLN B 165 -10.36 7.83 8.90
N GLY B 166 -10.41 8.29 7.64
CA GLY B 166 -9.20 8.70 6.98
C GLY B 166 -9.39 9.77 5.93
N MET B 167 -8.28 10.36 5.48
CA MET B 167 -8.37 11.37 4.46
C MET B 167 -8.72 10.79 3.09
N TYR B 168 -9.66 11.42 2.40
CA TYR B 168 -10.07 10.97 1.09
C TYR B 168 -10.89 12.08 0.44
N ASN B 169 -10.48 12.46 -0.76
CA ASN B 169 -11.22 13.44 -1.56
C ASN B 169 -10.88 13.26 -3.02
N ALA B 170 -11.46 14.10 -3.88
CA ALA B 170 -11.30 13.86 -5.30
C ALA B 170 -9.89 13.87 -5.80
N ILE B 171 -9.00 14.57 -5.10
CA ILE B 171 -7.60 14.60 -5.50
C ILE B 171 -6.68 14.01 -4.44
N THR B 172 -7.25 13.17 -3.57
CA THR B 172 -6.48 12.54 -2.50
C THR B 172 -7.00 11.12 -2.37
N ARG B 173 -6.41 10.20 -3.12
CA ARG B 173 -6.98 8.88 -3.30
C ARG B 173 -6.06 7.69 -2.96
N GLN B 174 -5.00 7.98 -2.25
CA GLN B 174 -4.03 6.97 -1.85
C GLN B 174 -4.72 5.80 -1.14
N VAL B 175 -5.72 6.07 -0.31
CA VAL B 175 -6.39 5.04 0.41
C VAL B 175 -7.02 3.96 -0.46
N GLU B 176 -7.30 4.26 -1.73
CA GLU B 176 -7.95 3.27 -2.56
C GLU B 176 -7.12 2.02 -2.77
N THR B 177 -5.80 2.18 -2.86
CA THR B 177 -4.95 1.09 -3.38
C THR B 177 -4.82 -0.10 -2.43
N GLU B 178 -4.47 0.21 -1.19
CA GLU B 178 -4.15 -0.78 -0.16
C GLU B 178 -5.12 -0.73 1.01
N LEU B 179 -5.47 0.45 1.46
CA LEU B 179 -6.39 0.55 2.57
C LEU B 179 -7.78 0.02 2.27
N PHE B 180 -8.39 0.49 1.18
CA PHE B 180 -9.76 0.11 0.96
C PHE B 180 -9.96 -1.40 0.81
N PRO B 181 -9.13 -2.11 0.06
CA PRO B 181 -9.33 -3.56 0.03
C PRO B 181 -9.17 -4.24 1.37
N CYS B 182 -8.25 -3.74 2.22
CA CYS B 182 -8.08 -4.28 3.56
C CYS B 182 -9.37 -4.08 4.39
N LEU B 183 -9.94 -2.87 4.30
CA LEU B 183 -11.16 -2.58 5.03
C LEU B 183 -12.31 -3.48 4.56
N ARG B 184 -12.41 -3.68 3.24
CA ARG B 184 -13.49 -4.53 2.76
C ARG B 184 -13.26 -5.95 3.25
N HIS B 185 -12.00 -6.41 3.27
CA HIS B 185 -11.71 -7.75 3.72
C HIS B 185 -12.13 -8.02 5.16
N PHE B 186 -11.79 -7.09 6.03
CA PHE B 186 -12.02 -7.26 7.45
C PHE B 186 -13.33 -6.66 7.98
N GLY B 187 -14.10 -5.98 7.13
CA GLY B 187 -15.46 -5.57 7.50
C GLY B 187 -15.56 -4.20 8.12
N LEU B 188 -14.63 -3.32 7.81
CA LEU B 188 -14.70 -1.95 8.31
C LEU B 188 -15.31 -0.99 7.30
N ARG B 189 -16.18 -0.12 7.76
CA ARG B 189 -16.69 0.97 6.92
C ARG B 189 -15.71 2.12 7.01
N PHE B 190 -15.76 3.02 6.06
CA PHE B 190 -14.81 4.10 5.94
C PHE B 190 -15.51 5.47 5.97
N TYR B 191 -15.03 6.33 6.87
CA TYR B 191 -15.50 7.69 6.99
C TYR B 191 -14.42 8.59 6.47
N ALA B 192 -14.78 9.33 5.43
CA ALA B 192 -13.84 10.23 4.77
C ALA B 192 -13.74 11.63 5.35
N PHE B 193 -12.55 12.06 5.74
CA PHE B 193 -12.37 13.45 6.10
C PHE B 193 -11.52 14.22 5.11
N ASN B 194 -11.64 15.54 5.29
CA ASN B 194 -10.99 16.52 4.46
C ASN B 194 -11.53 16.38 3.05
N PRO B 195 -12.87 16.39 2.89
CA PRO B 195 -13.43 16.24 1.54
C PRO B 195 -13.15 17.40 0.59
N LEU B 196 -12.67 18.54 1.11
CA LEU B 196 -12.34 19.71 0.29
C LEU B 196 -10.83 19.99 0.23
N ALA B 197 -10.02 19.03 0.67
CA ALA B 197 -8.55 19.15 0.50
C ALA B 197 -8.00 20.47 0.98
N GLY B 198 -8.40 20.82 2.17
CA GLY B 198 -7.84 21.99 2.84
C GLY B 198 -8.32 23.29 2.27
N GLY B 199 -9.35 23.22 1.43
CA GLY B 199 -9.93 24.40 0.79
C GLY B 199 -9.56 24.45 -0.67
N LEU B 200 -8.56 23.69 -1.07
CA LEU B 200 -8.11 23.70 -2.45
C LEU B 200 -9.27 23.40 -3.41
N LEU B 201 -10.13 22.45 -3.02
CA LEU B 201 -11.22 22.01 -3.91
C LEU B 201 -12.43 22.95 -3.94
N THR B 202 -12.31 24.10 -3.26
CA THR B 202 -13.35 25.12 -3.32
C THR B 202 -13.10 26.02 -4.50
N GLY B 203 -11.87 26.05 -5.01
CA GLY B 203 -11.51 26.91 -6.12
C GLY B 203 -11.22 28.35 -5.70
N ARG B 204 -11.22 28.61 -4.40
CA ARG B 204 -11.01 29.97 -3.90
C ARG B 204 -9.53 30.39 -3.87
N TYR B 205 -8.65 29.40 -3.95
CA TYR B 205 -7.22 29.68 -3.89
C TYR B 205 -6.60 29.56 -5.27
N LYS B 206 -5.62 30.41 -5.55
CA LYS B 206 -4.94 30.41 -6.84
C LYS B 206 -3.43 30.53 -6.62
N TYR B 207 -2.65 30.15 -7.63
CA TYR B 207 -1.20 30.27 -7.51
C TYR B 207 -0.84 31.76 -7.43
N GLN B 208 -0.38 32.20 -6.26
CA GLN B 208 -0.06 33.61 -6.07
C GLN B 208 0.66 33.80 -4.73
N TYR B 232 0.92 21.79 1.41
CA TYR B 232 1.49 22.71 0.44
C TYR B 232 0.96 22.39 -0.96
N TRP B 233 0.58 23.42 -1.71
CA TRP B 233 -0.01 23.25 -3.02
C TRP B 233 0.89 23.81 -4.13
N LYS B 234 1.14 22.99 -5.15
CA LYS B 234 2.01 23.34 -6.26
C LYS B 234 1.22 23.69 -7.53
N GLU B 235 1.96 24.04 -8.59
CA GLU B 235 1.36 24.43 -9.85
C GLU B 235 0.46 23.37 -10.45
N GLU B 236 0.86 22.10 -10.32
CA GLU B 236 0.07 21.00 -10.85
C GLU B 236 -1.28 20.88 -10.11
N HIS B 237 -1.33 21.33 -8.86
CA HIS B 237 -2.58 21.33 -8.11
C HIS B 237 -3.57 22.33 -8.74
N PHE B 238 -3.10 23.54 -8.99
CA PHE B 238 -3.96 24.57 -9.56
C PHE B 238 -4.28 24.22 -11.02
N ASN B 239 -3.37 23.52 -11.69
CA ASN B 239 -3.64 23.06 -13.05
C ASN B 239 -4.80 22.05 -13.01
N GLY B 240 -4.78 21.18 -12.01
CA GLY B 240 -5.86 20.21 -11.84
C GLY B 240 -7.21 20.89 -11.67
N ILE B 241 -7.27 21.84 -10.74
CA ILE B 241 -8.50 22.58 -10.47
C ILE B 241 -8.96 23.25 -11.75
N ALA B 242 -8.04 23.83 -12.52
CA ALA B 242 -8.38 24.43 -13.81
C ALA B 242 -9.04 23.45 -14.80
N LEU B 243 -8.57 22.22 -14.84
CA LEU B 243 -9.16 21.19 -15.70
C LEU B 243 -10.62 20.95 -15.32
N VAL B 244 -10.86 20.86 -14.01
CA VAL B 244 -12.23 20.60 -13.50
C VAL B 244 -13.13 21.81 -13.80
N GLU B 245 -12.63 23.00 -13.51
CA GLU B 245 -13.39 24.22 -13.86
C GLU B 245 -13.75 24.28 -15.34
N LYS B 246 -12.80 23.95 -16.21
CA LYS B 246 -13.07 23.94 -17.64
C LYS B 246 -14.15 22.91 -18.04
N ALA B 247 -14.12 21.72 -17.45
CA ALA B 247 -15.12 20.71 -17.75
C ALA B 247 -16.50 21.11 -17.24
N LEU B 248 -16.51 21.72 -16.07
CA LEU B 248 -17.77 22.20 -15.52
C LEU B 248 -18.40 23.21 -16.47
N LYS B 249 -17.62 24.19 -16.93
CA LYS B 249 -18.16 25.19 -17.87
C LYS B 249 -18.58 24.56 -19.20
N THR B 250 -17.75 23.69 -19.77
CA THR B 250 -18.13 23.05 -21.04
C THR B 250 -19.39 22.23 -20.90
N THR B 251 -19.53 21.52 -19.80
CA THR B 251 -20.69 20.67 -19.64
C THR B 251 -21.98 21.39 -19.33
N TYR B 252 -21.92 22.32 -18.38
CA TYR B 252 -23.15 22.89 -17.83
C TYR B 252 -23.37 24.37 -18.19
N GLY B 253 -22.34 25.00 -18.74
CA GLY B 253 -22.43 26.43 -19.06
C GLY B 253 -22.72 27.30 -17.84
N PRO B 254 -23.71 28.19 -17.93
CA PRO B 254 -23.99 29.15 -16.86
C PRO B 254 -24.65 28.54 -15.63
N THR B 255 -25.02 27.27 -15.67
CA THR B 255 -25.63 26.61 -14.53
C THR B 255 -24.76 25.50 -13.96
N ALA B 256 -23.46 25.70 -14.07
CA ALA B 256 -22.53 24.74 -13.55
C ALA B 256 -22.52 24.73 -12.04
N PRO B 257 -22.35 23.56 -11.46
CA PRO B 257 -22.02 23.49 -10.05
C PRO B 257 -20.75 24.30 -9.84
N SER B 258 -20.66 24.88 -8.65
CA SER B 258 -19.45 25.52 -8.21
C SER B 258 -18.37 24.45 -8.00
N MET B 259 -17.11 24.85 -7.88
CA MET B 259 -16.06 23.89 -7.56
C MET B 259 -16.33 23.16 -6.25
N ILE B 260 -16.81 23.87 -5.22
CA ILE B 260 -17.07 23.21 -3.95
C ILE B 260 -18.22 22.23 -4.10
N SER B 261 -19.21 22.60 -4.89
CA SER B 261 -20.31 21.68 -5.10
C SER B 261 -19.84 20.40 -5.81
N ALA B 262 -19.03 20.56 -6.85
CA ALA B 262 -18.54 19.43 -7.60
C ALA B 262 -17.73 18.47 -6.73
N ALA B 263 -16.86 19.05 -5.89
CA ALA B 263 -16.02 18.23 -5.02
C ALA B 263 -16.86 17.44 -4.05
N VAL B 264 -17.89 18.04 -3.47
CA VAL B 264 -18.78 17.32 -2.58
C VAL B 264 -19.56 16.26 -3.32
N ARG B 265 -20.07 16.64 -4.50
CA ARG B 265 -20.82 15.65 -5.28
C ARG B 265 -19.99 14.47 -5.71
N TRP B 266 -18.71 14.69 -5.92
CA TRP B 266 -17.80 13.58 -6.23
C TRP B 266 -17.78 12.60 -5.07
N MET B 267 -17.70 13.14 -3.86
CA MET B 267 -17.60 12.24 -2.71
C MET B 267 -18.82 11.39 -2.63
N TYR B 268 -19.99 12.00 -2.83
CA TYR B 268 -21.23 11.28 -2.58
C TYR B 268 -21.69 10.43 -3.73
N HIS B 269 -21.24 10.72 -4.93
CA HIS B 269 -21.76 10.00 -6.08
C HIS B 269 -20.75 9.24 -6.93
N HIS B 270 -19.47 9.61 -6.85
CA HIS B 270 -18.52 9.12 -7.82
C HIS B 270 -17.24 8.49 -7.19
N SER B 271 -17.16 8.52 -5.87
CA SER B 271 -16.01 7.92 -5.17
C SER B 271 -16.27 6.43 -4.90
N GLN B 272 -15.32 5.80 -4.21
CA GLN B 272 -15.49 4.43 -3.86
C GLN B 272 -16.27 4.24 -2.57
N LEU B 273 -16.73 5.32 -1.95
CA LEU B 273 -17.63 5.18 -0.82
C LEU B 273 -18.92 4.54 -1.18
N LYS B 274 -19.39 3.60 -0.37
CA LYS B 274 -20.64 2.89 -0.61
C LYS B 274 -21.59 3.05 0.58
N GLY B 275 -22.65 3.77 0.32
CA GLY B 275 -23.66 3.99 1.31
C GLY B 275 -24.19 2.66 1.87
N THR B 276 -24.25 1.61 1.06
CA THR B 276 -24.72 0.34 1.61
C THR B 276 -23.66 -0.38 2.47
N GLN B 277 -22.45 0.12 2.48
CA GLN B 277 -21.45 -0.46 3.36
C GLN B 277 -21.41 0.38 4.63
N GLY B 278 -22.25 1.43 4.73
CA GLY B 278 -22.20 2.35 5.87
C GLY B 278 -21.11 3.43 5.78
N ASP B 279 -20.52 3.56 4.62
CA ASP B 279 -19.47 4.55 4.45
C ASP B 279 -20.07 5.96 4.59
N ALA B 280 -19.23 6.95 4.93
CA ALA B 280 -19.70 8.28 5.20
C ALA B 280 -18.66 9.33 4.89
N VAL B 281 -19.14 10.57 4.84
CA VAL B 281 -18.32 11.75 4.67
C VAL B 281 -18.41 12.58 5.91
N ILE B 282 -17.26 13.03 6.44
CA ILE B 282 -17.25 13.92 7.57
C ILE B 282 -17.25 15.35 7.09
N LEU B 283 -18.31 16.05 7.47
CA LEU B 283 -18.43 17.43 7.11
C LEU B 283 -17.84 18.26 8.20
N GLY B 284 -16.78 19.00 7.89
CA GLY B 284 -16.18 19.95 8.83
C GLY B 284 -16.87 21.30 8.74
N MET B 285 -16.70 22.15 9.76
CA MET B 285 -17.34 23.45 9.75
C MET B 285 -16.52 24.34 10.63
N SER B 286 -16.40 25.60 10.25
CA SER B 286 -15.84 26.59 11.13
C SER B 286 -16.90 27.65 11.39
N SER B 287 -18.10 27.47 10.86
CA SER B 287 -19.20 28.40 11.13
C SER B 287 -20.51 27.75 10.78
N LEU B 288 -21.59 28.25 11.36
CA LEU B 288 -22.92 27.77 11.08
C LEU B 288 -23.26 27.97 9.59
N GLU B 289 -22.86 29.11 9.05
CA GLU B 289 -23.16 29.38 7.66
C GLU B 289 -22.48 28.38 6.73
N GLN B 290 -21.21 28.10 7.00
CA GLN B 290 -20.45 27.16 6.20
C GLN B 290 -21.12 25.77 6.31
N LEU B 291 -21.54 25.40 7.52
CA LEU B 291 -22.24 24.15 7.64
C LEU B 291 -23.56 24.10 6.85
N GLU B 292 -24.38 25.15 6.93
CA GLU B 292 -25.63 25.16 6.17
C GLU B 292 -25.38 25.07 4.65
N GLN B 293 -24.36 25.78 4.18
CA GLN B 293 -23.96 25.69 2.75
C GLN B 293 -23.61 24.25 2.43
N ASN B 294 -22.78 23.63 3.26
CA ASN B 294 -22.31 22.29 2.94
C ASN B 294 -23.42 21.25 3.05
N LEU B 295 -24.36 21.44 3.97
CA LEU B 295 -25.47 20.52 4.07
C LEU B 295 -26.33 20.48 2.81
N ALA B 296 -26.42 21.64 2.20
CA ALA B 296 -27.15 21.75 0.95
C ALA B 296 -26.43 21.01 -0.18
N LEU B 297 -25.11 21.12 -0.23
CA LEU B 297 -24.35 20.44 -1.28
C LEU B 297 -24.50 18.94 -1.23
N VAL B 298 -24.54 18.39 -0.01
CA VAL B 298 -24.69 16.97 0.16
C VAL B 298 -25.88 16.42 -0.61
N GLU B 299 -26.92 17.23 -0.71
CA GLU B 299 -28.16 16.78 -1.31
C GLU B 299 -28.21 16.92 -2.83
N GLU B 300 -27.17 17.50 -3.42
CA GLU B 300 -27.13 17.69 -4.88
C GLU B 300 -26.85 16.36 -5.57
N GLY B 301 -27.09 16.32 -6.88
CA GLY B 301 -26.99 15.10 -7.63
C GLY B 301 -25.65 14.76 -8.19
N PRO B 302 -25.64 13.71 -8.97
CA PRO B 302 -24.40 13.31 -9.62
C PRO B 302 -23.91 14.33 -10.62
N LEU B 303 -22.67 14.16 -11.03
CA LEU B 303 -22.04 14.94 -12.05
C LEU B 303 -22.02 14.18 -13.38
N GLU B 304 -21.96 14.95 -14.47
CA GLU B 304 -21.81 14.34 -15.77
C GLU B 304 -20.42 13.74 -15.95
N PRO B 305 -20.32 12.72 -16.77
CA PRO B 305 -19.05 12.02 -16.96
C PRO B 305 -17.87 12.89 -17.29
N ALA B 306 -18.01 13.90 -18.14
CA ALA B 306 -16.83 14.70 -18.44
C ALA B 306 -16.22 15.36 -17.22
N VAL B 307 -17.06 15.70 -16.25
CA VAL B 307 -16.55 16.38 -15.04
C VAL B 307 -15.84 15.34 -14.14
N VAL B 308 -16.43 14.17 -14.05
CA VAL B 308 -15.81 13.08 -13.30
C VAL B 308 -14.45 12.74 -13.93
N ASP B 309 -14.41 12.72 -15.26
CA ASP B 309 -13.14 12.45 -15.94
C ASP B 309 -12.12 13.51 -15.60
N ALA B 310 -12.54 14.75 -15.54
CA ALA B 310 -11.61 15.81 -15.18
C ALA B 310 -11.04 15.65 -13.77
N PHE B 311 -11.88 15.27 -12.83
CA PHE B 311 -11.36 15.02 -11.49
C PHE B 311 -10.34 13.88 -11.57
N ASP B 312 -10.59 12.84 -12.36
CA ASP B 312 -9.62 11.77 -12.45
C ASP B 312 -8.30 12.32 -13.01
N GLN B 313 -8.39 13.17 -14.01
CA GLN B 313 -7.17 13.78 -14.58
C GLN B 313 -6.45 14.63 -13.56
N ALA B 314 -7.19 15.36 -12.74
CA ALA B 314 -6.58 16.19 -11.72
C ALA B 314 -5.84 15.30 -10.69
N TRP B 315 -6.49 14.21 -10.32
CA TRP B 315 -5.86 13.25 -9.39
C TRP B 315 -4.57 12.75 -10.04
N ASN B 316 -4.59 12.39 -11.30
CA ASN B 316 -3.42 11.80 -11.96
C ASN B 316 -2.26 12.79 -11.94
N LEU B 317 -2.54 14.10 -11.98
CA LEU B 317 -1.47 15.11 -11.93
C LEU B 317 -0.77 15.18 -10.60
N VAL B 318 -1.44 14.82 -9.51
CA VAL B 318 -0.85 14.98 -8.21
C VAL B 318 -0.72 13.68 -7.42
N ALA B 319 -1.08 12.55 -8.03
CA ALA B 319 -0.94 11.28 -7.31
C ALA B 319 0.44 11.04 -6.75
N HIS B 320 1.45 11.43 -7.49
CA HIS B 320 2.87 11.19 -7.10
C HIS B 320 3.31 11.93 -5.86
N GLU B 321 2.51 12.91 -5.44
CA GLU B 321 2.87 13.64 -4.26
C GLU B 321 1.71 13.70 -3.27
N CYS B 322 0.85 12.68 -3.31
CA CYS B 322 -0.24 12.60 -2.33
C CYS B 322 0.28 12.50 -0.91
N PRO B 323 -0.26 13.26 0.02
CA PRO B 323 0.13 13.10 1.42
C PRO B 323 -0.27 11.73 1.91
N ASN B 324 0.50 11.20 2.83
CA ASN B 324 0.14 9.88 3.34
C ASN B 324 -1.08 9.98 4.22
N TYR B 325 -1.93 8.94 4.18
CA TYR B 325 -3.10 8.94 5.03
C TYR B 325 -2.85 8.43 6.45
N PHE B 326 -1.62 7.99 6.71
CA PHE B 326 -1.21 7.36 7.94
C PHE B 326 -0.04 8.07 8.56
N ARG B 327 0.19 7.83 9.83
CA ARG B 327 1.33 8.42 10.52
C ARG B 327 1.83 7.56 11.66
#